data_9KFM
#
_entry.id   9KFM
#
_cell.length_a   47.194
_cell.length_b   61.565
_cell.length_c   64.761
_cell.angle_alpha   68.91
_cell.angle_beta   88.94
_cell.angle_gamma   67.63
#
_symmetry.space_group_name_H-M   'P 1'
#
loop_
_entity.id
_entity.type
_entity.pdbx_description
1 polymer 'WD repeat-containing protein 5'
2 polymer EMBOW
3 water water
#
loop_
_entity_poly.entity_id
_entity_poly.type
_entity_poly.pdbx_seq_one_letter_code
_entity_poly.pdbx_strand_id
1 'polypeptide(L)'
;GSHMTQSKPTPVKPNYALKFTLAGHTKAVSSVKFSPNGEWLASSSADKLIKIWGAYDGKFEKTISGHKLGISDVAWSSDS
NLLVSASDDKTLKIWDVSSGKCLKTLKGHSNYVFCCNFNPQSNLIVSGSFDESVRIWDVKTGKCLKTLPAHSDPVSAVHF
NRDGSLIVSSSYDGLCRIWDTASGQCLKTLIDDDNPPVSFVKFSPNGKYILAATLDNTLKLWDYSKGKCLKTYTGHKNEK
YCIFANFSVTGGKWIVSGSEDNLVYIWNLQTKEIVQKLQGHTDVVISTACHPTENIIASAALENDKTIKLWKSDC
;
B,A
2 'polypeptide(L)' MRTEPR D,C
#
# COMPACT_ATOMS: atom_id res chain seq x y z
N VAL A 12 9.24 3.09 -27.21
CA VAL A 12 8.47 2.52 -26.10
C VAL A 12 7.53 3.57 -25.52
N LYS A 13 6.27 3.20 -25.30
CA LYS A 13 5.30 4.11 -24.70
C LYS A 13 4.57 3.39 -23.57
N PRO A 14 4.19 4.11 -22.53
CA PRO A 14 3.44 3.49 -21.43
C PRO A 14 1.98 3.22 -21.81
N ASN A 15 1.32 2.40 -20.99
CA ASN A 15 -0.09 2.08 -21.23
C ASN A 15 -0.89 2.18 -19.94
N TYR A 16 -0.66 3.25 -19.18
CA TYR A 16 -1.45 3.53 -17.97
C TYR A 16 -2.95 3.36 -18.22
N ALA A 17 -3.59 2.56 -17.36
CA ALA A 17 -5.03 2.34 -17.40
C ALA A 17 -5.63 2.57 -16.02
N LEU A 18 -6.87 3.05 -16.00
CA LEU A 18 -7.55 3.35 -14.74
C LEU A 18 -7.77 2.08 -13.93
N LYS A 19 -7.41 2.12 -12.65
CA LYS A 19 -7.61 1.00 -11.74
C LYS A 19 -8.61 1.31 -10.63
N PHE A 20 -8.55 2.52 -10.06
CA PHE A 20 -9.44 2.92 -8.98
C PHE A 20 -9.71 4.41 -9.06
N THR A 21 -10.92 4.77 -8.66
CA THR A 21 -11.34 6.14 -8.39
C THR A 21 -11.67 6.21 -6.90
N LEU A 22 -11.00 7.10 -6.18
CA LEU A 22 -11.14 7.21 -4.73
C LEU A 22 -11.92 8.48 -4.39
N ALA A 23 -13.11 8.30 -3.80
CA ALA A 23 -14.00 9.40 -3.46
C ALA A 23 -14.11 9.54 -1.95
N GLY A 24 -14.33 10.77 -1.50
CA GLY A 24 -14.55 11.01 -0.10
C GLY A 24 -14.26 12.44 0.32
N HIS A 25 -13.34 13.11 -0.35
CA HIS A 25 -13.15 14.54 -0.07
C HIS A 25 -14.41 15.30 -0.50
N THR A 26 -14.80 16.31 0.30
CA THR A 26 -16.01 17.08 0.03
C THR A 26 -15.74 18.41 -0.67
N LYS A 27 -14.47 18.74 -0.92
CA LYS A 27 -14.09 19.85 -1.79
C LYS A 27 -12.94 19.37 -2.66
N ALA A 28 -12.49 20.27 -3.54
CA ALA A 28 -11.33 20.06 -4.41
C ALA A 28 -10.16 19.44 -3.65
N VAL A 29 -9.53 18.46 -4.27
CA VAL A 29 -8.31 17.87 -3.75
C VAL A 29 -7.16 18.79 -4.15
N SER A 30 -6.16 18.93 -3.29
CA SER A 30 -5.03 19.82 -3.57
C SER A 30 -3.72 19.09 -3.86
N SER A 31 -3.48 17.92 -3.28
CA SER A 31 -2.17 17.28 -3.36
C SER A 31 -2.32 15.82 -2.96
N VAL A 32 -1.66 14.93 -3.71
CA VAL A 32 -1.52 13.52 -3.38
C VAL A 32 -0.03 13.16 -3.40
N LYS A 33 0.36 12.25 -2.50
CA LYS A 33 1.75 11.80 -2.34
C LYS A 33 1.77 10.35 -1.90
N PHE A 34 2.59 9.52 -2.55
CA PHE A 34 2.83 8.17 -2.06
C PHE A 34 3.81 8.14 -0.90
N SER A 35 3.55 7.27 0.08
CA SER A 35 4.52 7.05 1.13
C SER A 35 5.80 6.46 0.54
N PRO A 36 6.97 6.80 1.12
CA PRO A 36 8.23 6.22 0.63
C PRO A 36 8.29 4.70 0.65
N ASN A 37 7.58 4.04 1.58
CA ASN A 37 7.56 2.58 1.58
C ASN A 37 6.57 2.02 0.57
N GLY A 38 5.85 2.88 -0.16
CA GLY A 38 4.96 2.45 -1.21
C GLY A 38 3.58 2.01 -0.76
N GLU A 39 3.33 1.91 0.55
CA GLU A 39 2.08 1.33 1.03
C GLU A 39 0.90 2.22 0.79
N TRP A 40 1.10 3.52 0.94
CA TRP A 40 0.02 4.45 1.17
C TRP A 40 0.03 5.57 0.16
N LEU A 41 -1.16 6.11 -0.10
CA LEU A 41 -1.33 7.42 -0.72
C LEU A 41 -1.96 8.34 0.31
N ALA A 42 -1.36 9.53 0.48
CA ALA A 42 -1.96 10.59 1.27
C ALA A 42 -2.51 11.67 0.36
N SER A 43 -3.67 12.20 0.71
CA SER A 43 -4.28 13.30 -0.04
C SER A 43 -4.67 14.43 0.90
N SER A 44 -4.48 15.67 0.45
CA SER A 44 -4.94 16.83 1.20
C SER A 44 -6.01 17.56 0.39
N SER A 45 -6.81 18.39 1.07
CA SER A 45 -7.94 18.97 0.34
C SER A 45 -8.31 20.34 0.89
N ALA A 46 -9.00 21.12 0.04
CA ALA A 46 -9.66 22.34 0.50
C ALA A 46 -10.65 22.08 1.63
N ASP A 47 -11.10 20.83 1.82
CA ASP A 47 -12.07 20.51 2.87
C ASP A 47 -11.44 20.44 4.26
N LYS A 48 -10.17 20.82 4.39
CA LYS A 48 -9.40 20.91 5.64
C LYS A 48 -8.89 19.56 6.11
N LEU A 49 -9.04 18.51 5.31
CA LEU A 49 -8.76 17.14 5.73
C LEU A 49 -7.59 16.54 4.94
N ILE A 50 -6.90 15.61 5.61
CA ILE A 50 -5.99 14.64 4.99
C ILE A 50 -6.66 13.28 5.02
N LYS A 51 -6.59 12.56 3.92
CA LYS A 51 -7.06 11.18 3.88
C LYS A 51 -5.94 10.24 3.47
N ILE A 52 -5.97 9.05 4.04
CA ILE A 52 -4.97 8.01 3.79
C ILE A 52 -5.69 6.83 3.15
N TRP A 53 -5.10 6.32 2.06
CA TRP A 53 -5.65 5.26 1.22
C TRP A 53 -4.58 4.21 0.95
N GLY A 54 -4.98 2.94 0.83
CA GLY A 54 -4.06 1.91 0.37
C GLY A 54 -3.63 2.12 -1.07
N ALA A 55 -2.32 2.05 -1.32
CA ALA A 55 -1.80 2.38 -2.65
C ALA A 55 -2.15 1.35 -3.71
N TYR A 56 -2.38 0.10 -3.33
CA TYR A 56 -2.52 -0.99 -4.28
C TYR A 56 -3.96 -1.45 -4.48
N ASP A 57 -4.79 -1.31 -3.45
CA ASP A 57 -6.19 -1.68 -3.50
C ASP A 57 -7.12 -0.46 -3.39
N GLY A 58 -6.55 0.74 -3.23
CA GLY A 58 -7.36 1.94 -3.14
C GLY A 58 -8.21 2.06 -1.90
N LYS A 59 -8.06 1.16 -0.92
CA LYS A 59 -8.96 1.14 0.21
C LYS A 59 -8.73 2.34 1.12
N PHE A 60 -9.82 3.06 1.41
CA PHE A 60 -9.77 4.18 2.34
C PHE A 60 -9.32 3.67 3.71
N GLU A 61 -8.34 4.34 4.31
CA GLU A 61 -7.83 3.90 5.59
C GLU A 61 -8.25 4.83 6.72
N LYS A 62 -8.08 6.15 6.57
CA LYS A 62 -8.50 7.03 7.66
C LYS A 62 -8.49 8.51 7.25
N THR A 63 -9.15 9.34 8.07
CA THR A 63 -9.18 10.79 7.92
C THR A 63 -8.42 11.43 9.08
N ILE A 64 -7.60 12.44 8.75
CA ILE A 64 -6.79 13.17 9.71
C ILE A 64 -7.22 14.63 9.65
N SER A 65 -7.58 15.19 10.80
CA SER A 65 -8.25 16.50 10.84
C SER A 65 -7.67 17.36 11.95
N GLY A 66 -7.88 18.67 11.82
CA GLY A 66 -7.44 19.61 12.84
C GLY A 66 -7.13 21.00 12.31
N HIS A 67 -6.73 21.12 11.04
CA HIS A 67 -6.51 22.45 10.48
C HIS A 67 -7.83 23.22 10.44
N LYS A 68 -7.73 24.54 10.64
CA LYS A 68 -8.92 25.39 10.67
C LYS A 68 -9.34 25.87 9.29
N LEU A 69 -8.45 25.78 8.30
CA LEU A 69 -8.76 26.14 6.90
C LEU A 69 -8.17 25.06 6.01
N GLY A 70 -8.34 25.25 4.69
CA GLY A 70 -7.95 24.22 3.74
C GLY A 70 -6.45 23.97 3.73
N ILE A 71 -6.07 22.85 3.11
CA ILE A 71 -4.68 22.37 3.03
C ILE A 71 -4.26 22.33 1.57
N SER A 72 -3.15 22.99 1.25
CA SER A 72 -2.63 23.01 -0.12
C SER A 72 -1.58 21.95 -0.42
N ASP A 73 -0.97 21.34 0.59
CA ASP A 73 0.13 20.39 0.36
C ASP A 73 0.28 19.47 1.56
N VAL A 74 0.86 18.29 1.28
CA VAL A 74 1.19 17.31 2.31
C VAL A 74 2.44 16.57 1.86
N ALA A 75 3.23 16.09 2.82
CA ALA A 75 4.48 15.40 2.50
C ALA A 75 4.81 14.40 3.61
N TRP A 76 5.51 13.30 3.24
CA TRP A 76 5.86 12.17 4.10
C TRP A 76 7.29 12.24 4.63
N SER A 77 7.49 11.77 5.87
CA SER A 77 8.85 11.54 6.38
C SER A 77 9.44 10.29 5.72
N SER A 78 10.77 10.15 5.80
CA SER A 78 11.44 9.07 5.07
CA SER A 78 11.45 9.07 5.08
C SER A 78 11.02 7.69 5.58
N ASP A 79 10.67 7.57 6.85
CA ASP A 79 10.28 6.27 7.40
C ASP A 79 8.79 5.97 7.24
N SER A 80 8.05 6.86 6.57
CA SER A 80 6.62 6.71 6.29
C SER A 80 5.76 6.83 7.54
N ASN A 81 6.31 7.33 8.64
CA ASN A 81 5.56 7.37 9.89
C ASN A 81 4.93 8.73 10.19
N LEU A 82 5.42 9.80 9.58
CA LEU A 82 4.95 11.16 9.84
C LEU A 82 4.46 11.80 8.55
N LEU A 83 3.52 12.75 8.70
CA LEU A 83 3.10 13.63 7.62
C LEU A 83 3.28 15.08 8.06
N VAL A 84 3.53 15.97 7.11
CA VAL A 84 3.41 17.40 7.37
C VAL A 84 2.44 17.98 6.36
N SER A 85 1.63 18.93 6.81
CA SER A 85 0.65 19.59 5.97
C SER A 85 0.83 21.10 6.05
N ALA A 86 0.51 21.78 4.92
CA ALA A 86 0.58 23.23 4.76
C ALA A 86 -0.82 23.81 4.55
N SER A 87 -1.21 24.81 5.36
CA SER A 87 -2.61 25.21 5.41
C SER A 87 -2.79 26.72 5.25
N ASP A 88 -3.96 27.12 4.76
CA ASP A 88 -4.31 28.53 4.72
C ASP A 88 -4.49 29.14 6.10
N ASP A 89 -4.57 28.30 7.16
CA ASP A 89 -4.66 28.82 8.55
C ASP A 89 -3.30 29.37 9.08
N LYS A 90 -2.34 29.46 8.15
CA LYS A 90 -1.01 30.05 8.33
C LYS A 90 -0.07 29.12 9.09
N THR A 91 -0.45 27.87 9.32
CA THR A 91 0.38 26.92 10.05
C THR A 91 0.72 25.72 9.17
N LEU A 92 1.81 25.05 9.53
CA LEU A 92 1.98 23.64 9.19
C LEU A 92 1.66 22.76 10.39
N LYS A 93 1.28 21.51 10.12
CA LYS A 93 1.10 20.56 11.22
C LYS A 93 1.87 19.29 10.90
N ILE A 94 2.53 18.75 11.95
CA ILE A 94 3.17 17.43 11.92
C ILE A 94 2.26 16.42 12.60
N TRP A 95 1.99 15.31 11.88
CA TRP A 95 1.04 14.26 12.23
C TRP A 95 1.75 12.92 12.38
N ASP A 96 1.38 12.19 13.43
CA ASP A 96 1.65 10.75 13.53
C ASP A 96 0.59 9.99 12.74
N VAL A 97 1.02 9.35 11.65
CA VAL A 97 0.08 8.70 10.74
C VAL A 97 -0.68 7.57 11.43
N SER A 98 0.00 6.73 12.23
CA SER A 98 -0.70 5.56 12.75
C SER A 98 -1.79 5.94 13.76
N SER A 99 -1.57 7.00 14.54
CA SER A 99 -2.55 7.47 15.53
C SER A 99 -3.44 8.59 15.00
N GLY A 100 -3.04 9.27 13.93
CA GLY A 100 -3.77 10.43 13.46
C GLY A 100 -3.63 11.68 14.30
N LYS A 101 -2.75 11.69 15.28
CA LYS A 101 -2.65 12.84 16.21
C LYS A 101 -1.73 13.93 15.67
N CYS A 102 -2.09 15.19 15.92
CA CYS A 102 -1.21 16.32 15.65
C CYS A 102 -0.11 16.37 16.70
N LEU A 103 1.13 16.10 16.28
CA LEU A 103 2.28 16.16 17.18
C LEU A 103 2.76 17.59 17.38
N LYS A 104 2.70 18.41 16.32
CA LYS A 104 3.24 19.77 16.43
C LYS A 104 2.50 20.70 15.49
N THR A 105 2.30 21.96 15.91
CA THR A 105 1.84 23.02 15.03
C THR A 105 2.96 24.05 14.81
N LEU A 106 3.35 24.25 13.55
CA LEU A 106 4.46 25.12 13.17
C LEU A 106 3.91 26.49 12.81
N LYS A 107 4.19 27.47 13.66
CA LYS A 107 3.66 28.82 13.60
C LYS A 107 4.78 29.82 13.34
N GLY A 108 4.47 30.82 12.54
CA GLY A 108 5.43 31.85 12.15
C GLY A 108 5.21 32.46 10.78
N HIS A 109 4.68 31.73 9.80
CA HIS A 109 4.31 32.39 8.54
C HIS A 109 3.16 33.36 8.81
N SER A 110 3.14 34.45 8.05
CA SER A 110 2.14 35.49 8.17
C SER A 110 1.09 35.44 7.06
N ASN A 111 1.02 34.36 6.31
CA ASN A 111 -0.02 34.19 5.29
C ASN A 111 -0.10 32.70 4.98
N TYR A 112 -0.91 32.34 3.97
CA TYR A 112 -1.16 30.92 3.67
C TYR A 112 0.15 30.18 3.52
N VAL A 113 0.21 28.96 4.06
CA VAL A 113 1.32 28.06 3.75
C VAL A 113 0.89 27.19 2.57
N PHE A 114 1.70 27.16 1.53
CA PHE A 114 1.35 26.63 0.22
C PHE A 114 2.02 25.30 -0.09
N CYS A 115 3.25 25.10 0.36
CA CYS A 115 4.05 23.95 -0.02
C CYS A 115 4.97 23.52 1.12
N CYS A 116 5.29 22.21 1.16
CA CYS A 116 6.11 21.66 2.24
C CYS A 116 6.80 20.36 1.81
N ASN A 117 7.87 20.03 2.53
CA ASN A 117 8.62 18.78 2.28
C ASN A 117 9.55 18.50 3.46
N PHE A 118 9.72 17.20 3.79
CA PHE A 118 10.78 16.75 4.70
C PHE A 118 12.11 16.66 3.95
N ASN A 119 13.24 16.81 4.66
CA ASN A 119 14.54 16.43 4.07
C ASN A 119 14.72 14.92 4.19
N PRO A 120 15.70 14.33 3.47
CA PRO A 120 15.87 12.86 3.53
C PRO A 120 16.09 12.30 4.93
N GLN A 121 16.89 12.97 5.77
CA GLN A 121 17.04 12.53 7.16
C GLN A 121 15.72 12.66 7.92
N SER A 122 14.90 13.64 7.52
CA SER A 122 13.58 13.95 8.10
C SER A 122 13.68 14.56 9.49
N ASN A 123 14.80 15.19 9.79
CA ASN A 123 14.88 16.02 10.98
C ASN A 123 14.44 17.44 10.69
N LEU A 124 14.31 17.82 9.40
CA LEU A 124 13.93 19.17 8.99
C LEU A 124 12.68 19.14 8.11
N ILE A 125 11.90 20.22 8.19
CA ILE A 125 10.84 20.50 7.22
C ILE A 125 11.11 21.84 6.56
N VAL A 126 10.91 21.92 5.24
CA VAL A 126 10.94 23.19 4.52
C VAL A 126 9.53 23.54 4.05
N SER A 127 9.16 24.82 4.18
CA SER A 127 7.84 25.31 3.83
C SER A 127 7.96 26.57 2.98
N GLY A 128 6.98 26.77 2.09
CA GLY A 128 6.85 28.00 1.33
C GLY A 128 5.48 28.64 1.52
N SER A 129 5.45 29.97 1.49
CA SER A 129 4.23 30.71 1.85
C SER A 129 3.91 31.84 0.87
N PHE A 130 2.62 32.22 0.84
CA PHE A 130 2.23 33.45 0.15
C PHE A 130 2.83 34.69 0.79
N ASP A 131 3.34 34.60 2.02
CA ASP A 131 4.07 35.69 2.65
C ASP A 131 5.46 35.91 2.04
N GLU A 132 5.83 35.18 0.99
CA GLU A 132 7.02 35.34 0.14
C GLU A 132 8.27 34.76 0.77
N SER A 133 8.17 34.09 1.91
CA SER A 133 9.29 33.51 2.63
C SER A 133 9.34 32.00 2.49
N VAL A 134 10.54 31.46 2.69
CA VAL A 134 10.76 30.03 2.88
C VAL A 134 11.23 29.81 4.31
N ARG A 135 10.63 28.86 5.02
CA ARG A 135 11.04 28.58 6.40
C ARG A 135 11.55 27.15 6.55
N ILE A 136 12.57 27.00 7.40
CA ILE A 136 13.15 25.71 7.74
C ILE A 136 12.88 25.45 9.23
N TRP A 137 12.27 24.28 9.52
CA TRP A 137 11.72 23.92 10.82
C TRP A 137 12.36 22.66 11.37
N ASP A 138 12.54 22.62 12.68
CA ASP A 138 13.03 21.44 13.40
C ASP A 138 11.86 20.51 13.73
N VAL A 139 11.91 19.27 13.22
CA VAL A 139 10.81 18.33 13.41
C VAL A 139 10.57 18.03 14.88
N LYS A 140 11.65 17.76 15.64
CA LYS A 140 11.50 17.33 17.03
C LYS A 140 10.87 18.40 17.92
N THR A 141 11.28 19.67 17.78
CA THR A 141 10.80 20.72 18.64
C THR A 141 9.68 21.55 18.02
N GLY A 142 9.54 21.52 16.70
CA GLY A 142 8.60 22.39 16.01
C GLY A 142 9.03 23.84 15.95
N LYS A 143 10.26 24.17 16.31
CA LYS A 143 10.73 25.55 16.26
C LYS A 143 11.21 25.91 14.86
N CYS A 144 10.96 27.16 14.46
CA CYS A 144 11.56 27.66 13.22
C CYS A 144 13.05 27.91 13.40
N LEU A 145 13.87 27.22 12.59
CA LEU A 145 15.31 27.42 12.64
C LEU A 145 15.77 28.56 11.74
N LYS A 146 15.16 28.70 10.56
CA LYS A 146 15.58 29.77 9.64
C LYS A 146 14.42 30.30 8.82
N THR A 147 14.40 31.61 8.62
CA THR A 147 13.51 32.28 7.68
C THR A 147 14.32 32.89 6.56
N LEU A 148 14.13 32.41 5.36
CA LEU A 148 14.78 32.89 4.17
C LEU A 148 13.88 33.91 3.49
N PRO A 149 14.39 35.12 3.21
CA PRO A 149 13.64 36.13 2.42
C PRO A 149 13.75 35.77 0.94
N ALA A 150 13.05 34.69 0.58
CA ALA A 150 13.39 33.92 -0.60
C ALA A 150 12.96 34.58 -1.90
N HIS A 151 11.85 35.31 -1.90
CA HIS A 151 11.19 35.73 -3.13
C HIS A 151 10.42 37.03 -2.89
N SER A 152 9.94 37.62 -4.00
CA SER A 152 9.20 38.88 -3.93
C SER A 152 7.76 38.69 -4.39
N ASP A 153 7.29 37.45 -4.33
CA ASP A 153 5.90 37.07 -4.61
C ASP A 153 5.65 35.73 -3.94
N PRO A 154 4.39 35.25 -3.91
CA PRO A 154 4.11 33.96 -3.27
C PRO A 154 5.07 32.86 -3.71
N VAL A 155 5.44 32.01 -2.76
CA VAL A 155 6.32 30.87 -3.02
C VAL A 155 5.45 29.67 -3.40
N SER A 156 5.64 29.13 -4.60
CA SER A 156 4.80 28.05 -5.12
C SER A 156 5.30 26.64 -4.82
N ALA A 157 6.59 26.44 -4.56
CA ALA A 157 7.10 25.09 -4.32
C ALA A 157 8.43 25.17 -3.57
N VAL A 158 8.74 24.12 -2.82
CA VAL A 158 10.01 23.95 -2.09
C VAL A 158 10.36 22.47 -2.10
N HIS A 159 11.64 22.14 -2.29
CA HIS A 159 12.01 20.73 -2.38
C HIS A 159 13.48 20.58 -1.97
N PHE A 160 13.78 19.52 -1.22
CA PHE A 160 15.14 19.15 -0.85
C PHE A 160 15.74 18.22 -1.91
N ASN A 161 17.07 18.33 -2.11
CA ASN A 161 17.77 17.41 -2.99
C ASN A 161 18.02 16.08 -2.27
N ARG A 162 18.68 15.14 -2.96
CA ARG A 162 18.63 13.77 -2.47
CA ARG A 162 18.77 13.74 -2.53
C ARG A 162 19.34 13.57 -1.14
N ASP A 163 20.28 14.44 -0.75
CA ASP A 163 20.89 14.35 0.57
C ASP A 163 20.50 15.48 1.50
N GLY A 164 19.62 16.39 1.07
CA GLY A 164 19.16 17.44 1.93
C GLY A 164 20.05 18.66 2.04
N SER A 165 21.19 18.69 1.32
CA SER A 165 22.12 19.80 1.45
C SER A 165 21.61 21.04 0.74
N LEU A 166 20.69 20.89 -0.21
CA LEU A 166 20.16 21.99 -1.00
C LEU A 166 18.64 22.03 -0.91
N ILE A 167 18.09 23.24 -0.99
CA ILE A 167 16.67 23.50 -1.18
C ILE A 167 16.49 24.22 -2.50
N VAL A 168 15.49 23.81 -3.30
CA VAL A 168 15.08 24.63 -4.45
C VAL A 168 13.69 25.20 -4.17
N SER A 169 13.51 26.48 -4.53
CA SER A 169 12.23 27.17 -4.37
C SER A 169 11.85 27.86 -5.68
N SER A 170 10.53 28.05 -5.88
CA SER A 170 10.01 28.76 -7.06
C SER A 170 8.97 29.77 -6.62
N SER A 171 8.76 30.79 -7.46
CA SER A 171 7.85 31.86 -7.08
C SER A 171 7.14 32.45 -8.30
N TYR A 172 5.97 33.04 -8.05
CA TYR A 172 5.32 33.88 -9.06
C TYR A 172 6.19 35.04 -9.50
N ASP A 173 7.26 35.35 -8.76
CA ASP A 173 8.16 36.41 -9.19
C ASP A 173 8.98 36.01 -10.41
N GLY A 174 8.91 34.75 -10.85
CA GLY A 174 9.56 34.31 -12.07
C GLY A 174 10.89 33.62 -11.84
N LEU A 175 11.32 33.49 -10.59
CA LEU A 175 12.62 32.93 -10.25
C LEU A 175 12.52 31.50 -9.72
N CYS A 176 13.54 30.70 -10.01
CA CYS A 176 13.89 29.55 -9.16
C CYS A 176 15.19 29.85 -8.43
N ARG A 177 15.23 29.60 -7.13
CA ARG A 177 16.46 29.80 -6.35
C ARG A 177 16.90 28.50 -5.70
N ILE A 178 18.22 28.26 -5.71
CA ILE A 178 18.87 27.15 -4.98
C ILE A 178 19.60 27.71 -3.77
N TRP A 179 19.26 27.15 -2.59
CA TRP A 179 19.74 27.53 -1.27
C TRP A 179 20.59 26.43 -0.63
N ASP A 180 21.67 26.84 0.03
CA ASP A 180 22.41 26.01 0.97
C ASP A 180 21.59 25.80 2.24
N THR A 181 21.16 24.56 2.51
CA THR A 181 20.36 24.30 3.70
C THR A 181 21.06 24.75 4.98
N ALA A 182 22.34 24.39 5.15
CA ALA A 182 23.00 24.61 6.43
C ALA A 182 23.07 26.10 6.76
N SER A 183 23.31 26.94 5.76
CA SER A 183 23.55 28.36 5.98
C SER A 183 22.37 29.24 5.60
N GLY A 184 21.47 28.76 4.75
CA GLY A 184 20.40 29.61 4.27
C GLY A 184 20.79 30.56 3.17
N GLN A 185 22.02 30.45 2.66
CA GLN A 185 22.51 31.36 1.64
C GLN A 185 22.10 30.85 0.27
N CYS A 186 21.76 31.79 -0.62
CA CYS A 186 21.39 31.49 -2.00
C CYS A 186 22.62 31.20 -2.85
N LEU A 187 22.66 29.99 -3.42
CA LEU A 187 23.76 29.51 -4.30
C LEU A 187 23.54 29.77 -5.82
N LYS A 188 22.29 29.75 -6.30
CA LYS A 188 21.98 29.98 -7.74
C LYS A 188 20.65 30.64 -7.87
N THR A 189 20.53 31.57 -8.83
CA THR A 189 19.22 32.04 -9.28
C THR A 189 19.04 31.69 -10.75
N LEU A 190 17.93 30.98 -11.01
CA LEU A 190 17.44 30.73 -12.37
C LEU A 190 16.36 31.67 -12.87
N ILE A 191 16.86 32.37 -13.89
CA ILE A 191 16.04 33.31 -14.59
C ILE A 191 16.02 32.86 -16.05
N ASP A 192 14.99 33.23 -16.74
CA ASP A 192 14.75 32.84 -18.15
C ASP A 192 13.79 33.82 -18.83
N ASP A 193 14.35 34.73 -19.62
CA ASP A 193 13.65 35.56 -20.61
C ASP A 193 12.64 36.51 -20.02
N ASP A 194 11.36 36.23 -20.26
CA ASP A 194 10.28 37.13 -19.88
C ASP A 194 9.67 36.74 -18.54
N ASN A 195 10.45 36.11 -17.68
CA ASN A 195 10.00 35.95 -16.31
C ASN A 195 8.56 35.50 -16.09
N PRO A 196 8.13 34.40 -16.76
CA PRO A 196 6.74 34.00 -16.45
C PRO A 196 6.68 33.42 -15.05
N PRO A 197 5.55 33.57 -14.38
CA PRO A 197 5.44 33.00 -13.01
C PRO A 197 5.82 31.52 -13.00
N VAL A 198 6.63 31.13 -12.00
CA VAL A 198 7.01 29.73 -11.82
C VAL A 198 6.08 29.12 -10.79
N SER A 199 5.37 28.08 -11.20
CA SER A 199 4.30 27.48 -10.43
C SER A 199 4.70 26.17 -9.75
N PHE A 200 5.87 25.63 -10.06
CA PHE A 200 6.30 24.36 -9.48
C PHE A 200 7.77 24.15 -9.79
N VAL A 201 8.48 23.50 -8.86
CA VAL A 201 9.87 23.11 -9.08
C VAL A 201 10.16 21.89 -8.23
N LYS A 202 11.06 21.02 -8.71
CA LYS A 202 11.56 19.91 -7.89
C LYS A 202 12.83 19.32 -8.51
N PHE A 203 13.70 18.79 -7.64
CA PHE A 203 14.93 18.13 -8.07
C PHE A 203 14.63 16.80 -8.73
N SER A 204 15.45 16.42 -9.70
CA SER A 204 15.46 15.05 -10.22
C SER A 204 15.92 14.09 -9.12
N PRO A 205 15.59 12.79 -9.23
CA PRO A 205 16.08 11.84 -8.21
C PRO A 205 17.59 11.87 -8.00
N ASN A 206 18.40 12.08 -9.04
CA ASN A 206 19.85 12.15 -8.85
C ASN A 206 20.31 13.51 -8.34
N GLY A 207 19.43 14.51 -8.26
CA GLY A 207 19.80 15.80 -7.72
C GLY A 207 20.55 16.71 -8.68
N LYS A 208 20.79 16.27 -9.91
CA LYS A 208 21.54 17.04 -10.89
C LYS A 208 20.67 18.01 -11.67
N TYR A 209 19.40 17.67 -11.88
CA TYR A 209 18.51 18.51 -12.68
C TYR A 209 17.37 19.03 -11.82
N ILE A 210 16.74 20.06 -12.34
CA ILE A 210 15.58 20.68 -11.72
C ILE A 210 14.46 20.78 -12.77
N LEU A 211 13.26 20.32 -12.42
CA LEU A 211 12.09 20.44 -13.31
C LEU A 211 11.25 21.62 -12.84
N ALA A 212 11.00 22.58 -13.73
CA ALA A 212 10.28 23.80 -13.38
C ALA A 212 9.09 24.01 -14.31
N ALA A 213 7.91 24.27 -13.72
CA ALA A 213 6.71 24.64 -14.47
C ALA A 213 6.51 26.15 -14.45
N THR A 214 6.13 26.73 -15.58
CA THR A 214 5.77 28.14 -15.66
C THR A 214 4.35 28.30 -16.22
N LEU A 215 3.68 29.41 -15.82
CA LEU A 215 2.28 29.63 -16.19
C LEU A 215 2.11 30.17 -17.59
N ASP A 216 2.88 29.61 -18.53
CA ASP A 216 2.77 29.81 -19.96
C ASP A 216 2.72 28.45 -20.65
N ASN A 217 2.08 27.49 -20.00
CA ASN A 217 1.82 26.15 -20.55
C ASN A 217 3.14 25.42 -20.85
N THR A 218 4.14 25.57 -19.97
CA THR A 218 5.48 25.07 -20.26
C THR A 218 6.13 24.41 -19.04
N LEU A 219 6.78 23.26 -19.28
CA LEU A 219 7.70 22.63 -18.34
C LEU A 219 9.12 22.66 -18.89
N LYS A 220 10.12 22.91 -18.05
CA LYS A 220 11.52 22.91 -18.49
C LYS A 220 12.39 22.09 -17.54
N LEU A 221 13.37 21.39 -18.11
CA LEU A 221 14.38 20.66 -17.35
C LEU A 221 15.70 21.46 -17.39
N TRP A 222 16.19 21.86 -16.22
CA TRP A 222 17.41 22.63 -16.09
C TRP A 222 18.53 21.78 -15.52
N ASP A 223 19.74 21.99 -16.01
CA ASP A 223 20.94 21.43 -15.42
C ASP A 223 21.40 22.40 -14.35
N TYR A 224 21.31 21.98 -13.09
CA TYR A 224 21.60 22.87 -11.98
C TYR A 224 23.04 23.40 -12.03
N SER A 225 23.99 22.50 -12.28
CA SER A 225 25.40 22.90 -12.36
C SER A 225 25.63 24.00 -13.40
N LYS A 226 25.09 23.83 -14.60
CA LYS A 226 25.33 24.76 -15.72
C LYS A 226 24.40 25.97 -15.80
N GLY A 227 23.20 25.93 -15.23
CA GLY A 227 22.34 27.09 -15.38
C GLY A 227 21.61 27.10 -16.70
N LYS A 228 21.55 25.95 -17.35
CA LYS A 228 21.09 25.79 -18.72
C LYS A 228 19.82 24.95 -18.79
N CYS A 229 18.86 25.40 -19.60
CA CYS A 229 17.70 24.60 -19.94
C CYS A 229 18.06 23.56 -20.99
N LEU A 230 17.79 22.29 -20.69
CA LEU A 230 18.13 21.16 -21.55
C LEU A 230 16.94 20.63 -22.35
N LYS A 231 15.75 20.69 -21.77
CA LYS A 231 14.56 20.15 -22.41
C LYS A 231 13.40 21.08 -22.07
N THR A 232 12.45 21.16 -22.99
CA THR A 232 11.16 21.79 -22.74
C THR A 232 10.05 20.84 -23.14
N TYR A 233 8.96 20.87 -22.39
CA TYR A 233 7.81 20.01 -22.58
C TYR A 233 6.56 20.86 -22.68
N THR A 234 5.81 20.69 -23.78
CA THR A 234 4.62 21.50 -24.07
C THR A 234 3.50 20.61 -24.59
N GLY A 235 2.34 21.23 -24.81
CA GLY A 235 1.15 20.55 -25.29
C GLY A 235 0.04 20.50 -24.28
N HIS A 236 0.37 20.66 -23.01
CA HIS A 236 -0.57 20.71 -21.90
C HIS A 236 -1.05 22.13 -21.66
N LYS A 237 -2.02 22.27 -20.76
CA LYS A 237 -2.61 23.57 -20.42
C LYS A 237 -2.24 23.93 -18.98
N ASN A 238 -1.46 25.00 -18.79
CA ASN A 238 -1.13 25.42 -17.43
C ASN A 238 -0.91 26.93 -17.41
N GLU A 239 -1.95 27.68 -17.02
CA GLU A 239 -1.91 29.14 -16.97
C GLU A 239 -2.38 29.72 -15.63
N LYS A 240 -3.04 28.94 -14.78
CA LYS A 240 -3.79 29.46 -13.64
C LYS A 240 -3.44 28.80 -12.30
N TYR A 241 -3.05 27.52 -12.30
CA TYR A 241 -2.87 26.76 -11.06
C TYR A 241 -1.44 26.25 -10.91
N CYS A 242 -1.06 26.01 -9.66
CA CYS A 242 0.24 25.42 -9.35
C CYS A 242 0.06 23.91 -9.37
N ILE A 243 0.38 23.30 -10.51
CA ILE A 243 0.16 21.88 -10.76
C ILE A 243 1.46 21.13 -10.49
N PHE A 244 1.38 20.03 -9.75
CA PHE A 244 2.55 19.20 -9.46
C PHE A 244 3.01 18.44 -10.71
N ALA A 245 4.34 18.31 -10.89
CA ALA A 245 4.89 17.48 -11.95
C ALA A 245 5.95 16.56 -11.35
N ASN A 246 6.31 15.51 -12.10
CA ASN A 246 7.10 14.39 -11.60
C ASN A 246 8.07 13.84 -12.63
N PHE A 247 9.19 13.29 -12.12
CA PHE A 247 9.99 12.30 -12.83
C PHE A 247 9.42 10.91 -12.57
N SER A 248 9.10 10.17 -13.62
CA SER A 248 8.75 8.76 -13.48
C SER A 248 9.97 7.93 -13.87
N VAL A 249 10.42 7.06 -12.98
CA VAL A 249 11.69 6.34 -13.11
C VAL A 249 11.54 4.84 -12.91
N THR A 250 10.36 4.32 -12.58
CA THR A 250 10.22 2.89 -12.29
C THR A 250 10.28 2.02 -13.54
N GLY A 251 9.87 2.55 -14.69
CA GLY A 251 9.95 1.87 -15.97
C GLY A 251 10.70 2.73 -16.97
N GLY A 252 10.02 3.14 -18.04
CA GLY A 252 10.59 4.16 -18.90
C GLY A 252 10.80 5.47 -18.16
N LYS A 253 11.70 6.31 -18.68
CA LYS A 253 11.98 7.61 -18.06
C LYS A 253 11.01 8.67 -18.61
N TRP A 254 9.97 8.98 -17.85
CA TRP A 254 8.96 9.94 -18.29
C TRP A 254 8.99 11.21 -17.44
N ILE A 255 8.32 12.23 -17.98
CA ILE A 255 7.85 13.39 -17.23
C ILE A 255 6.33 13.28 -17.14
N VAL A 256 5.77 13.47 -15.93
CA VAL A 256 4.32 13.37 -15.70
C VAL A 256 3.80 14.68 -15.11
N SER A 257 2.65 15.15 -15.60
CA SER A 257 2.06 16.38 -15.05
C SER A 257 0.55 16.35 -15.20
N GLY A 258 -0.13 17.03 -14.27
CA GLY A 258 -1.53 17.36 -14.47
C GLY A 258 -1.68 18.48 -15.50
N SER A 259 -2.93 18.84 -15.77
CA SER A 259 -3.22 19.82 -16.83
C SER A 259 -4.57 20.45 -16.57
N GLU A 260 -4.74 21.70 -17.04
CA GLU A 260 -6.02 22.40 -16.89
C GLU A 260 -7.05 22.00 -17.93
N ASP A 261 -6.74 21.06 -18.83
CA ASP A 261 -7.77 20.48 -19.69
C ASP A 261 -8.27 19.12 -19.15
N ASN A 262 -8.04 18.83 -17.88
CA ASN A 262 -8.56 17.64 -17.19
C ASN A 262 -7.84 16.35 -17.57
N LEU A 263 -6.67 16.44 -18.18
CA LEU A 263 -5.88 15.27 -18.58
C LEU A 263 -4.60 15.15 -17.76
N VAL A 264 -4.12 13.91 -17.64
CA VAL A 264 -2.73 13.68 -17.21
C VAL A 264 -1.85 13.57 -18.45
N TYR A 265 -0.77 14.34 -18.50
CA TYR A 265 0.18 14.28 -19.59
C TYR A 265 1.43 13.49 -19.19
N ILE A 266 1.90 12.62 -20.10
CA ILE A 266 3.13 11.88 -19.95
C ILE A 266 3.98 12.10 -21.19
N TRP A 267 5.22 12.55 -20.98
CA TRP A 267 6.20 12.79 -22.03
C TRP A 267 7.40 11.86 -21.86
N ASN A 268 8.06 11.56 -22.99
CA ASN A 268 9.43 11.05 -23.00
C ASN A 268 10.41 12.12 -22.57
N LEU A 269 11.16 11.85 -21.49
CA LEU A 269 12.08 12.85 -20.96
C LEU A 269 13.11 13.30 -21.99
N GLN A 270 13.70 12.36 -22.72
CA GLN A 270 14.76 12.65 -23.67
C GLN A 270 14.25 13.28 -24.95
N THR A 271 13.20 12.71 -25.52
CA THR A 271 12.75 13.19 -26.81
C THR A 271 11.76 14.34 -26.73
N LYS A 272 11.02 14.45 -25.62
CA LYS A 272 10.04 15.51 -25.34
C LYS A 272 8.72 15.23 -26.04
N GLU A 273 8.59 14.08 -26.69
CA GLU A 273 7.32 13.70 -27.32
C GLU A 273 6.33 13.29 -26.25
N ILE A 274 5.07 13.72 -26.43
CA ILE A 274 3.99 13.22 -25.60
C ILE A 274 3.79 11.74 -25.90
N VAL A 275 3.86 10.91 -24.88
CA VAL A 275 3.67 9.47 -25.07
C VAL A 275 2.36 8.96 -24.53
N GLN A 276 1.65 9.74 -23.70
CA GLN A 276 0.30 9.31 -23.29
C GLN A 276 -0.43 10.46 -22.64
N LYS A 277 -1.76 10.49 -22.84
CA LYS A 277 -2.65 11.39 -22.13
C LYS A 277 -3.75 10.58 -21.46
N LEU A 278 -3.88 10.72 -20.14
CA LEU A 278 -4.84 9.94 -19.36
C LEU A 278 -6.13 10.74 -19.17
N GLN A 279 -7.22 10.19 -19.70
CA GLN A 279 -8.54 10.79 -19.75
C GLN A 279 -9.44 10.16 -18.69
N GLY A 280 -10.31 10.98 -18.10
CA GLY A 280 -11.26 10.49 -17.11
C GLY A 280 -11.66 11.52 -16.05
N HIS A 281 -10.74 12.37 -15.62
CA HIS A 281 -11.09 13.43 -14.67
C HIS A 281 -12.02 14.42 -15.36
N THR A 282 -12.83 15.11 -14.55
CA THR A 282 -13.82 16.04 -15.05
C THR A 282 -13.57 17.46 -14.56
N ASP A 283 -12.37 17.73 -14.07
CA ASP A 283 -11.93 19.08 -13.73
C ASP A 283 -10.40 19.09 -13.77
N VAL A 284 -9.83 20.28 -13.54
CA VAL A 284 -8.38 20.47 -13.61
C VAL A 284 -7.68 19.41 -12.77
N VAL A 285 -6.70 18.74 -13.37
CA VAL A 285 -5.86 17.77 -12.65
C VAL A 285 -4.74 18.55 -11.97
N ILE A 286 -4.88 18.81 -10.68
CA ILE A 286 -4.01 19.73 -9.96
C ILE A 286 -2.77 19.01 -9.47
N SER A 287 -2.81 17.69 -9.34
CA SER A 287 -1.74 16.96 -8.70
C SER A 287 -1.59 15.59 -9.34
N THR A 288 -0.34 15.19 -9.56
CA THR A 288 0.03 13.82 -9.92
C THR A 288 1.20 13.38 -9.05
N ALA A 289 1.33 12.08 -8.84
CA ALA A 289 2.41 11.49 -8.08
C ALA A 289 2.74 10.14 -8.68
N CYS A 290 4.02 9.78 -8.58
CA CYS A 290 4.54 8.54 -9.16
C CYS A 290 4.96 7.62 -8.02
N HIS A 291 4.51 6.37 -8.08
CA HIS A 291 4.83 5.40 -7.05
C HIS A 291 6.34 5.11 -7.00
N PRO A 292 6.92 4.91 -5.81
CA PRO A 292 8.38 4.76 -5.75
C PRO A 292 8.95 3.48 -6.36
N THR A 293 8.17 2.39 -6.50
CA THR A 293 8.72 1.16 -7.07
C THR A 293 7.89 0.56 -8.21
N GLU A 294 6.58 0.75 -8.20
CA GLU A 294 5.68 0.23 -9.24
C GLU A 294 5.35 1.33 -10.25
N ASN A 295 5.01 0.91 -11.47
CA ASN A 295 4.54 1.86 -12.51
C ASN A 295 3.08 2.22 -12.23
N ILE A 296 2.90 3.04 -11.19
CA ILE A 296 1.58 3.49 -10.75
C ILE A 296 1.60 5.02 -10.64
N ILE A 297 0.57 5.66 -11.18
CA ILE A 297 0.38 7.10 -11.06
C ILE A 297 -0.89 7.36 -10.26
N ALA A 298 -0.82 8.33 -9.35
CA ALA A 298 -2.01 8.87 -8.69
C ALA A 298 -2.24 10.27 -9.20
N SER A 299 -3.50 10.59 -9.53
CA SER A 299 -3.90 11.91 -9.99
C SER A 299 -5.09 12.42 -9.19
N ALA A 300 -5.25 13.75 -9.09
CA ALA A 300 -6.40 14.26 -8.35
C ALA A 300 -6.86 15.57 -8.96
N ALA A 301 -8.14 15.90 -8.78
CA ALA A 301 -8.77 16.99 -9.51
C ALA A 301 -9.55 17.96 -8.62
N LEU A 302 -9.93 19.09 -9.21
CA LEU A 302 -10.56 20.21 -8.50
C LEU A 302 -12.08 20.02 -8.36
N GLU A 303 -12.77 21.15 -8.10
CA GLU A 303 -14.12 21.16 -7.54
C GLU A 303 -15.12 20.29 -8.27
N ASN A 304 -15.12 20.31 -9.60
CA ASN A 304 -16.20 19.57 -10.28
C ASN A 304 -15.96 18.07 -10.22
N ASP A 305 -14.80 17.63 -9.76
CA ASP A 305 -14.44 16.22 -9.74
C ASP A 305 -14.25 15.71 -8.31
N LYS A 306 -13.29 16.27 -7.57
CA LYS A 306 -13.03 15.97 -6.17
C LYS A 306 -12.55 14.54 -5.93
N THR A 307 -12.17 13.80 -6.97
CA THR A 307 -11.71 12.42 -6.78
C THR A 307 -10.22 12.28 -7.09
N ILE A 308 -9.70 11.16 -6.66
CA ILE A 308 -8.34 10.70 -6.93
C ILE A 308 -8.46 9.44 -7.78
N LYS A 309 -7.62 9.34 -8.81
CA LYS A 309 -7.56 8.17 -9.66
C LYS A 309 -6.19 7.51 -9.54
N LEU A 310 -6.19 6.18 -9.47
CA LEU A 310 -4.97 5.39 -9.52
C LEU A 310 -4.89 4.68 -10.87
N TRP A 311 -3.72 4.74 -11.50
CA TRP A 311 -3.48 4.22 -12.84
C TRP A 311 -2.28 3.29 -12.82
N LYS A 312 -2.33 2.22 -13.64
CA LYS A 312 -1.26 1.21 -13.68
C LYS A 312 -0.80 0.94 -15.12
N SER A 313 0.52 0.82 -15.30
CA SER A 313 1.17 0.61 -16.58
C SER A 313 2.16 -0.55 -16.51
N ASP A 314 2.38 -1.21 -17.66
CA ASP A 314 3.40 -2.26 -17.77
C ASP A 314 4.82 -1.71 -17.96
N CYS A 315 4.98 -0.44 -18.32
CA CYS A 315 6.32 0.17 -18.37
C CYS A 315 6.26 1.67 -18.04
N MET B 1 -5.64 29.18 -1.19
CA MET B 1 -5.63 27.74 -1.52
C MET B 1 -5.09 27.48 -2.92
N ARG B 2 -4.35 26.37 -3.05
CA ARG B 2 -3.89 25.91 -4.35
C ARG B 2 -5.07 25.65 -5.28
N THR B 3 -6.24 25.35 -4.72
CA THR B 3 -7.41 24.96 -5.48
C THR B 3 -8.14 26.14 -6.09
N GLU B 4 -7.62 27.36 -5.86
CA GLU B 4 -8.17 28.56 -6.47
C GLU B 4 -7.21 29.15 -7.51
N PRO B 5 -7.74 29.65 -8.62
CA PRO B 5 -6.88 30.14 -9.70
C PRO B 5 -6.22 31.47 -9.38
N ARG B 6 -5.13 31.75 -10.10
CA ARG B 6 -4.38 33.00 -9.93
C ARG B 6 -5.07 34.21 -10.55
N VAL C 12 -17.01 -5.52 25.90
CA VAL C 12 -17.43 -5.52 24.50
C VAL C 12 -17.22 -6.87 23.80
N LYS C 13 -18.22 -7.37 23.10
CA LYS C 13 -18.10 -8.62 22.41
C LYS C 13 -18.88 -8.61 21.12
N PRO C 14 -18.47 -9.46 20.17
CA PRO C 14 -19.17 -9.58 18.90
C PRO C 14 -20.39 -10.45 18.95
N ASN C 15 -21.24 -10.36 17.95
CA ASN C 15 -22.44 -11.20 17.87
C ASN C 15 -22.60 -11.81 16.48
N TYR C 16 -21.51 -12.33 15.91
CA TYR C 16 -21.58 -13.08 14.65
C TYR C 16 -22.69 -14.13 14.67
N ALA C 17 -23.55 -14.05 13.67
CA ALA C 17 -24.63 -14.99 13.45
C ALA C 17 -24.62 -15.46 12.00
N LEU C 18 -25.04 -16.71 11.80
CA LEU C 18 -25.03 -17.33 10.48
C LEU C 18 -26.00 -16.65 9.53
N LYS C 19 -25.53 -16.36 8.31
CA LYS C 19 -26.34 -15.74 7.26
C LYS C 19 -26.53 -16.65 6.06
N PHE C 20 -25.51 -17.41 5.65
CA PHE C 20 -25.59 -18.29 4.49
C PHE C 20 -24.68 -19.50 4.68
N THR C 21 -25.10 -20.65 4.13
CA THR C 21 -24.29 -21.85 3.97
C THR C 21 -24.11 -22.10 2.48
N LEU C 22 -22.86 -22.16 2.01
CA LEU C 22 -22.56 -22.31 0.58
C LEU C 22 -22.06 -23.72 0.29
N ALA C 23 -22.81 -24.45 -0.55
CA ALA C 23 -22.51 -25.83 -0.89
C ALA C 23 -22.09 -25.94 -2.35
N GLY C 24 -21.23 -26.91 -2.63
CA GLY C 24 -20.83 -27.19 -4.00
C GLY C 24 -19.52 -27.94 -4.18
N HIS C 25 -18.57 -27.77 -3.26
CA HIS C 25 -17.35 -28.55 -3.32
C HIS C 25 -17.68 -30.02 -3.08
N THR C 26 -17.02 -30.92 -3.81
CA THR C 26 -17.31 -32.36 -3.70
C THR C 26 -16.33 -33.12 -2.82
N LYS C 27 -15.32 -32.45 -2.28
CA LYS C 27 -14.45 -32.94 -1.21
C LYS C 27 -14.24 -31.78 -0.23
N ALA C 28 -13.54 -32.07 0.86
CA ALA C 28 -13.17 -31.08 1.87
C ALA C 28 -12.68 -29.76 1.27
N VAL C 29 -13.13 -28.65 1.86
CA VAL C 29 -12.58 -27.33 1.52
C VAL C 29 -11.27 -27.13 2.24
N SER C 30 -10.33 -26.42 1.61
CA SER C 30 -9.01 -26.16 2.20
C SER C 30 -8.77 -24.70 2.60
N SER C 31 -9.35 -23.74 1.89
CA SER C 31 -9.01 -22.34 2.08
C SER C 31 -10.10 -21.47 1.49
N VAL C 32 -10.48 -20.42 2.22
CA VAL C 32 -11.35 -19.34 1.73
C VAL C 32 -10.65 -18.00 1.96
N LYS C 33 -10.82 -17.07 1.01
CA LYS C 33 -10.22 -15.73 1.06
C LYS C 33 -11.16 -14.71 0.44
N PHE C 34 -11.36 -13.57 1.11
CA PHE C 34 -12.10 -12.47 0.50
C PHE C 34 -11.24 -11.70 -0.48
N SER C 35 -11.83 -11.30 -1.61
CA SER C 35 -11.13 -10.41 -2.53
C SER C 35 -10.87 -9.07 -1.85
N PRO C 36 -9.75 -8.42 -2.15
CA PRO C 36 -9.46 -7.10 -1.53
C PRO C 36 -10.53 -6.05 -1.75
N ASN C 37 -11.24 -6.08 -2.88
CA ASN C 37 -12.33 -5.13 -3.12
C ASN C 37 -13.63 -5.50 -2.42
N GLY C 38 -13.65 -6.61 -1.68
CA GLY C 38 -14.78 -6.98 -0.87
C GLY C 38 -15.91 -7.67 -1.61
N GLU C 39 -15.84 -7.79 -2.94
CA GLU C 39 -16.95 -8.30 -3.75
C GLU C 39 -17.11 -9.80 -3.64
N TRP C 40 -16.00 -10.54 -3.53
CA TRP C 40 -15.99 -11.98 -3.78
C TRP C 40 -15.37 -12.73 -2.62
N LEU C 41 -15.78 -13.99 -2.47
CA LEU C 41 -15.04 -14.98 -1.69
C LEU C 41 -14.54 -16.07 -2.64
N ALA C 42 -13.26 -16.42 -2.52
CA ALA C 42 -12.70 -17.55 -3.26
C ALA C 42 -12.49 -18.71 -2.31
N SER C 43 -12.77 -19.93 -2.79
CA SER C 43 -12.55 -21.15 -2.02
C SER C 43 -11.75 -22.16 -2.84
N SER C 44 -10.85 -22.89 -2.18
CA SER C 44 -10.10 -23.95 -2.84
C SER C 44 -10.47 -25.28 -2.18
N SER C 45 -10.23 -26.39 -2.88
CA SER C 45 -10.69 -27.66 -2.34
C SER C 45 -9.81 -28.84 -2.72
N ALA C 46 -9.90 -29.90 -1.92
CA ALA C 46 -9.36 -31.21 -2.27
C ALA C 46 -9.89 -31.74 -3.58
N ASP C 47 -11.04 -31.22 -4.05
CA ASP C 47 -11.69 -31.64 -5.28
C ASP C 47 -11.04 -31.06 -6.53
N LYS C 48 -9.91 -30.37 -6.38
CA LYS C 48 -9.08 -29.82 -7.45
C LYS C 48 -9.67 -28.52 -7.98
N LEU C 49 -10.70 -27.97 -7.35
CA LEU C 49 -11.44 -26.83 -7.89
C LEU C 49 -11.25 -25.58 -7.03
N ILE C 50 -11.34 -24.43 -7.71
CA ILE C 50 -11.55 -23.14 -7.09
C ILE C 50 -12.97 -22.71 -7.40
N LYS C 51 -13.67 -22.20 -6.40
CA LYS C 51 -14.99 -21.63 -6.61
C LYS C 51 -15.04 -20.18 -6.15
N ILE C 52 -15.83 -19.37 -6.88
CA ILE C 52 -16.01 -17.95 -6.60
C ILE C 52 -17.46 -17.73 -6.26
N TRP C 53 -17.69 -17.01 -5.15
CA TRP C 53 -18.99 -16.75 -4.54
C TRP C 53 -19.14 -15.26 -4.25
N GLY C 54 -20.37 -14.74 -4.35
CA GLY C 54 -20.62 -13.37 -3.92
C GLY C 54 -20.39 -13.19 -2.43
N ALA C 55 -19.62 -12.17 -2.04
CA ALA C 55 -19.23 -12.01 -0.64
C ALA C 55 -20.40 -11.63 0.26
N TYR C 56 -21.43 -10.95 -0.27
CA TYR C 56 -22.48 -10.39 0.57
C TYR C 56 -23.72 -11.25 0.60
N ASP C 57 -24.07 -11.91 -0.50
CA ASP C 57 -25.26 -12.77 -0.55
C ASP C 57 -24.92 -14.24 -0.72
N GLY C 58 -23.65 -14.60 -0.86
CA GLY C 58 -23.27 -15.99 -1.01
C GLY C 58 -23.60 -16.65 -2.35
N LYS C 59 -24.03 -15.90 -3.35
CA LYS C 59 -24.45 -16.49 -4.61
C LYS C 59 -23.25 -17.07 -5.35
N PHE C 60 -23.36 -18.34 -5.76
CA PHE C 60 -22.31 -18.99 -6.53
C PHE C 60 -22.09 -18.24 -7.83
N GLU C 61 -20.82 -17.99 -8.15
CA GLU C 61 -20.50 -17.27 -9.37
C GLU C 61 -19.85 -18.17 -10.41
N LYS C 62 -18.82 -18.93 -10.05
CA LYS C 62 -18.21 -19.79 -11.07
C LYS C 62 -17.23 -20.79 -10.46
N THR C 63 -16.86 -21.78 -11.28
CA THR C 63 -15.84 -22.79 -10.97
C THR C 63 -14.64 -22.58 -11.90
N ILE C 64 -13.44 -22.64 -11.33
CA ILE C 64 -12.19 -22.52 -12.05
C ILE C 64 -11.41 -23.82 -11.86
N SER C 65 -11.00 -24.43 -12.98
CA SER C 65 -10.47 -25.78 -12.97
C SER C 65 -9.22 -25.85 -13.82
N GLY C 66 -8.40 -26.87 -13.55
CA GLY C 66 -7.18 -27.13 -14.30
C GLY C 66 -6.09 -27.82 -13.54
N HIS C 67 -6.03 -27.66 -12.21
CA HIS C 67 -5.06 -28.42 -11.43
C HIS C 67 -5.35 -29.92 -11.55
N LYS C 68 -4.29 -30.72 -11.57
CA LYS C 68 -4.41 -32.16 -11.73
C LYS C 68 -4.64 -32.89 -10.41
N LEU C 69 -4.38 -32.22 -9.28
CA LEU C 69 -4.57 -32.77 -7.95
C LEU C 69 -5.18 -31.66 -7.08
N GLY C 70 -5.43 -31.98 -5.82
CA GLY C 70 -6.14 -31.05 -4.93
C GLY C 70 -5.34 -29.77 -4.67
N ILE C 71 -6.05 -28.77 -4.15
CA ILE C 71 -5.53 -27.43 -3.89
C ILE C 71 -5.59 -27.13 -2.40
N SER C 72 -4.45 -26.73 -1.81
CA SER C 72 -4.39 -26.42 -0.38
C SER C 72 -4.53 -24.93 -0.05
N ASP C 73 -4.35 -24.03 -1.02
CA ASP C 73 -4.38 -22.60 -0.73
C ASP C 73 -4.68 -21.82 -1.99
N VAL C 74 -5.22 -20.61 -1.78
CA VAL C 74 -5.53 -19.67 -2.83
C VAL C 74 -5.34 -18.27 -2.27
N ALA C 75 -4.95 -17.32 -3.12
CA ALA C 75 -4.72 -15.93 -2.71
C ALA C 75 -5.01 -14.96 -3.86
N TRP C 76 -5.42 -13.74 -3.51
CA TRP C 76 -5.88 -12.71 -4.45
C TRP C 76 -4.80 -11.65 -4.71
N SER C 77 -4.75 -11.14 -5.92
CA SER C 77 -3.96 -9.92 -6.16
C SER C 77 -4.67 -8.71 -5.56
N SER C 78 -3.91 -7.64 -5.31
CA SER C 78 -4.46 -6.48 -4.63
C SER C 78 -5.56 -5.81 -5.45
N ASP C 79 -5.50 -5.88 -6.78
CA ASP C 79 -6.56 -5.30 -7.59
C ASP C 79 -7.75 -6.24 -7.81
N SER C 80 -7.74 -7.40 -7.17
CA SER C 80 -8.84 -8.39 -7.19
C SER C 80 -9.04 -9.03 -8.55
N ASN C 81 -8.08 -8.90 -9.47
CA ASN C 81 -8.24 -9.42 -10.83
C ASN C 81 -7.58 -10.78 -11.04
N LEU C 82 -6.63 -11.16 -10.19
CA LEU C 82 -5.90 -12.41 -10.34
C LEU C 82 -6.05 -13.29 -9.11
N LEU C 83 -5.97 -14.60 -9.32
CA LEU C 83 -5.84 -15.54 -8.22
C LEU C 83 -4.58 -16.38 -8.40
N VAL C 84 -4.00 -16.84 -7.31
CA VAL C 84 -2.96 -17.86 -7.39
C VAL C 84 -3.39 -19.02 -6.49
N SER C 85 -3.13 -20.25 -6.95
CA SER C 85 -3.47 -21.46 -6.24
C SER C 85 -2.23 -22.32 -6.06
N ALA C 86 -2.18 -23.05 -4.93
CA ALA C 86 -1.09 -23.97 -4.55
C ALA C 86 -1.63 -25.38 -4.46
N SER C 87 -1.00 -26.32 -5.19
CA SER C 87 -1.58 -27.66 -5.40
C SER C 87 -0.60 -28.81 -5.11
N ASP C 88 -1.20 -29.98 -4.80
CA ASP C 88 -0.45 -31.21 -4.64
C ASP C 88 0.17 -31.68 -5.95
N ASP C 89 -0.24 -31.10 -7.09
CA ASP C 89 0.40 -31.44 -8.37
C ASP C 89 1.76 -30.77 -8.55
N LYS C 90 2.26 -30.11 -7.50
CA LYS C 90 3.59 -29.51 -7.40
C LYS C 90 3.68 -28.18 -8.13
N THR C 91 2.57 -27.61 -8.57
CA THR C 91 2.58 -26.33 -9.28
C THR C 91 1.74 -25.30 -8.53
N LEU C 92 2.05 -24.04 -8.78
CA LEU C 92 1.06 -22.99 -8.58
C LEU C 92 0.47 -22.59 -9.91
N LYS C 93 -0.76 -22.08 -9.88
CA LYS C 93 -1.35 -21.52 -11.10
C LYS C 93 -1.87 -20.11 -10.83
N ILE C 94 -1.62 -19.22 -11.79
CA ILE C 94 -2.16 -17.85 -11.77
C ILE C 94 -3.37 -17.82 -12.70
N TRP C 95 -4.50 -17.32 -12.20
CA TRP C 95 -5.78 -17.32 -12.90
C TRP C 95 -6.27 -15.89 -13.14
N ASP C 96 -6.79 -15.66 -14.36
CA ASP C 96 -7.64 -14.50 -14.64
C ASP C 96 -9.04 -14.77 -14.13
N VAL C 97 -9.44 -14.04 -13.08
CA VAL C 97 -10.70 -14.32 -12.40
C VAL C 97 -11.89 -14.17 -13.34
N SER C 98 -11.90 -13.08 -14.13
CA SER C 98 -13.08 -12.80 -14.95
C SER C 98 -13.27 -13.84 -16.05
N SER C 99 -12.17 -14.31 -16.65
CA SER C 99 -12.22 -15.30 -17.72
C SER C 99 -12.11 -16.73 -17.22
N GLY C 100 -11.61 -16.94 -16.00
CA GLY C 100 -11.39 -18.28 -15.51
C GLY C 100 -10.21 -19.01 -16.13
N LYS C 101 -9.39 -18.32 -16.92
CA LYS C 101 -8.29 -18.92 -17.68
C LYS C 101 -7.02 -18.96 -16.82
N CYS C 102 -6.26 -20.05 -16.97
CA CYS C 102 -4.93 -20.17 -16.38
C CYS C 102 -3.92 -19.34 -17.18
N LEU C 103 -3.41 -18.25 -16.60
CA LEU C 103 -2.43 -17.41 -17.28
C LEU C 103 -1.03 -18.02 -17.26
N LYS C 104 -0.65 -18.65 -16.16
CA LYS C 104 0.69 -19.16 -15.95
C LYS C 104 0.63 -20.37 -15.02
N THR C 105 1.49 -21.35 -15.29
CA THR C 105 1.76 -22.45 -14.38
C THR C 105 3.19 -22.31 -13.88
N LEU C 106 3.33 -22.17 -12.56
CA LEU C 106 4.61 -21.97 -11.90
C LEU C 106 5.14 -23.33 -11.44
N LYS C 107 6.25 -23.74 -12.07
CA LYS C 107 6.87 -25.05 -11.90
C LYS C 107 8.26 -24.90 -11.29
N GLY C 108 8.64 -25.85 -10.44
CA GLY C 108 9.89 -25.80 -9.75
C GLY C 108 9.89 -26.47 -8.38
N HIS C 109 8.78 -26.42 -7.65
CA HIS C 109 8.72 -27.20 -6.42
C HIS C 109 8.77 -28.70 -6.74
N SER C 110 9.38 -29.46 -5.84
CA SER C 110 9.53 -30.91 -6.00
C SER C 110 8.60 -31.73 -5.10
N ASN C 111 7.59 -31.09 -4.50
CA ASN C 111 6.62 -31.77 -3.67
C ASN C 111 5.37 -30.88 -3.61
N TYR C 112 4.39 -31.28 -2.78
CA TYR C 112 3.13 -30.52 -2.69
C TYR C 112 3.42 -29.04 -2.43
N VAL C 113 2.69 -28.16 -3.10
CA VAL C 113 2.71 -26.74 -2.76
C VAL C 113 1.55 -26.50 -1.82
N PHE C 114 1.84 -25.92 -0.66
CA PHE C 114 0.92 -25.91 0.47
C PHE C 114 0.28 -24.56 0.74
N CYS C 115 1.03 -23.47 0.50
CA CYS C 115 0.63 -22.12 0.88
C CYS C 115 1.14 -21.12 -0.14
N CYS C 116 0.42 -20.00 -0.29
CA CYS C 116 0.81 -18.99 -1.27
C CYS C 116 0.24 -17.62 -0.90
N ASN C 117 0.87 -16.57 -1.45
CA ASN C 117 0.41 -15.21 -1.25
C ASN C 117 1.06 -14.28 -2.27
N PHE C 118 0.30 -13.28 -2.74
CA PHE C 118 0.87 -12.17 -3.49
C PHE C 118 1.47 -11.17 -2.50
N ASN C 119 2.48 -10.40 -2.95
CA ASN C 119 2.83 -9.22 -2.17
C ASN C 119 1.81 -8.11 -2.42
N PRO C 120 1.79 -7.07 -1.58
CA PRO C 120 0.80 -6.00 -1.82
C PRO C 120 0.90 -5.39 -3.21
N GLN C 121 2.13 -5.22 -3.72
CA GLN C 121 2.35 -4.72 -5.06
C GLN C 121 1.74 -5.64 -6.09
N SER C 122 1.77 -6.94 -5.81
CA SER C 122 1.27 -8.05 -6.63
C SER C 122 2.11 -8.26 -7.87
N ASN C 123 3.37 -7.80 -7.84
CA ASN C 123 4.33 -8.20 -8.86
C ASN C 123 5.03 -9.52 -8.51
N LEU C 124 4.93 -9.98 -7.25
CA LEU C 124 5.54 -11.23 -6.80
C LEU C 124 4.51 -12.17 -6.17
N ILE C 125 4.80 -13.47 -6.24
CA ILE C 125 4.10 -14.50 -5.46
C ILE C 125 5.12 -15.22 -4.60
N VAL C 126 4.77 -15.50 -3.35
CA VAL C 126 5.58 -16.33 -2.47
C VAL C 126 4.84 -17.65 -2.22
N SER C 127 5.58 -18.74 -2.22
CA SER C 127 5.02 -20.07 -2.04
C SER C 127 5.82 -20.86 -1.02
N GLY C 128 5.14 -21.74 -0.28
CA GLY C 128 5.79 -22.70 0.60
C GLY C 128 5.38 -24.12 0.26
N SER C 129 6.31 -25.06 0.42
CA SER C 129 6.07 -26.42 -0.05
C SER C 129 6.50 -27.49 0.97
N PHE C 130 5.94 -28.69 0.79
CA PHE C 130 6.42 -29.83 1.53
C PHE C 130 7.86 -30.17 1.18
N ASP C 131 8.39 -29.66 0.06
CA ASP C 131 9.80 -29.83 -0.28
C ASP C 131 10.74 -28.99 0.60
N GLU C 132 10.19 -28.29 1.60
CA GLU C 132 10.89 -27.55 2.66
C GLU C 132 11.42 -26.20 2.18
N SER C 133 11.11 -25.78 0.96
CA SER C 133 11.60 -24.51 0.41
C SER C 133 10.50 -23.44 0.37
N VAL C 134 10.97 -22.19 0.32
CA VAL C 134 10.11 -21.04 0.02
C VAL C 134 10.56 -20.49 -1.33
N ARG C 135 9.62 -20.25 -2.24
CA ARG C 135 9.97 -19.74 -3.56
C ARG C 135 9.32 -18.39 -3.82
N ILE C 136 10.06 -17.50 -4.49
CA ILE C 136 9.57 -16.20 -4.93
C ILE C 136 9.53 -16.16 -6.45
N TRP C 137 8.34 -15.85 -6.98
CA TRP C 137 7.98 -15.92 -8.39
C TRP C 137 7.60 -14.55 -8.94
N ASP C 138 7.97 -14.32 -10.20
CA ASP C 138 7.57 -13.15 -10.96
C ASP C 138 6.21 -13.39 -11.59
N VAL C 139 5.23 -12.55 -11.23
CA VAL C 139 3.87 -12.73 -11.72
C VAL C 139 3.80 -12.59 -13.24
N LYS C 140 4.47 -11.57 -13.78
CA LYS C 140 4.33 -11.26 -15.22
C LYS C 140 4.85 -12.40 -16.09
N THR C 141 6.01 -12.94 -15.74
CA THR C 141 6.65 -13.97 -16.55
C THR C 141 6.44 -15.38 -16.03
N GLY C 142 6.06 -15.55 -14.76
CA GLY C 142 5.95 -16.88 -14.18
C GLY C 142 7.25 -17.57 -13.89
N LYS C 143 8.38 -16.87 -13.99
CA LYS C 143 9.68 -17.46 -13.66
C LYS C 143 9.94 -17.38 -12.17
N CYS C 144 10.61 -18.41 -11.64
CA CYS C 144 11.10 -18.39 -10.27
C CYS C 144 12.29 -17.43 -10.16
N LEU C 145 12.17 -16.43 -9.29
CA LEU C 145 13.21 -15.45 -9.02
C LEU C 145 14.16 -15.92 -7.92
N LYS C 146 13.65 -16.54 -6.86
CA LYS C 146 14.52 -16.99 -5.77
C LYS C 146 13.98 -18.28 -5.14
N THR C 147 14.90 -19.18 -4.78
CA THR C 147 14.59 -20.38 -3.98
C THR C 147 15.34 -20.29 -2.66
N LEU C 148 14.61 -20.17 -1.57
CA LEU C 148 15.16 -20.11 -0.22
C LEU C 148 15.11 -21.49 0.43
N PRO C 149 16.27 -22.01 0.96
CA PRO C 149 16.27 -23.24 1.77
C PRO C 149 15.79 -22.92 3.17
N ALA C 150 14.49 -22.69 3.26
CA ALA C 150 13.93 -21.92 4.37
C ALA C 150 13.86 -22.72 5.67
N HIS C 151 13.67 -24.04 5.58
CA HIS C 151 13.28 -24.87 6.71
C HIS C 151 13.77 -26.30 6.51
N SER C 152 13.65 -27.10 7.56
CA SER C 152 14.04 -28.51 7.51
C SER C 152 12.85 -29.45 7.69
N ASP C 153 11.65 -28.96 7.40
CA ASP C 153 10.41 -29.74 7.42
C ASP C 153 9.39 -28.99 6.54
N PRO C 154 8.23 -29.60 6.24
CA PRO C 154 7.24 -28.90 5.41
C PRO C 154 6.96 -27.47 5.86
N VAL C 155 6.80 -26.59 4.88
CA VAL C 155 6.50 -25.19 5.14
C VAL C 155 4.99 -25.04 5.16
N SER C 156 4.46 -24.59 6.30
CA SER C 156 3.02 -24.53 6.50
C SER C 156 2.39 -23.20 6.10
N ALA C 157 3.14 -22.09 6.07
CA ALA C 157 2.55 -20.80 5.73
C ALA C 157 3.63 -19.83 5.25
N VAL C 158 3.21 -18.88 4.40
CA VAL C 158 4.07 -17.79 3.92
C VAL C 158 3.22 -16.54 3.76
N HIS C 159 3.77 -15.39 4.14
CA HIS C 159 3.00 -14.14 4.12
C HIS C 159 3.94 -12.96 3.96
N PHE C 160 3.53 -11.98 3.15
CA PHE C 160 4.24 -10.70 3.01
C PHE C 160 3.71 -9.70 4.02
N ASN C 161 4.60 -8.81 4.49
CA ASN C 161 4.12 -7.74 5.35
C ASN C 161 3.48 -6.66 4.48
N ARG C 162 2.95 -5.63 5.15
CA ARG C 162 2.05 -4.66 4.52
C ARG C 162 2.71 -3.84 3.41
N ASP C 163 4.03 -3.66 3.43
CA ASP C 163 4.70 -2.95 2.35
C ASP C 163 5.50 -3.86 1.43
N GLY C 164 5.46 -5.17 1.65
CA GLY C 164 6.10 -6.12 0.77
C GLY C 164 7.58 -6.33 1.00
N SER C 165 8.19 -5.62 1.95
CA SER C 165 9.64 -5.73 2.11
C SER C 165 10.07 -6.99 2.85
N LEU C 166 9.17 -7.62 3.63
CA LEU C 166 9.48 -8.79 4.43
C LEU C 166 8.53 -9.93 4.10
N ILE C 167 9.04 -11.15 4.25
CA ILE C 167 8.29 -12.42 4.21
C ILE C 167 8.43 -13.12 5.55
N VAL C 168 7.34 -13.66 6.09
CA VAL C 168 7.45 -14.58 7.21
C VAL C 168 7.06 -15.98 6.74
N SER C 169 7.78 -17.00 7.21
CA SER C 169 7.47 -18.39 6.90
C SER C 169 7.39 -19.18 8.19
N SER C 170 6.63 -20.28 8.16
CA SER C 170 6.51 -21.19 9.30
C SER C 170 6.68 -22.62 8.83
N SER C 171 7.07 -23.51 9.75
CA SER C 171 7.33 -24.89 9.38
C SER C 171 7.05 -25.86 10.52
N TYR C 172 6.80 -27.12 10.15
CA TYR C 172 6.78 -28.20 11.13
C TYR C 172 8.10 -28.37 11.86
N ASP C 173 9.19 -27.78 11.35
CA ASP C 173 10.46 -27.88 12.07
C ASP C 173 10.49 -27.06 13.35
N GLY C 174 9.46 -26.27 13.61
CA GLY C 174 9.30 -25.55 14.84
C GLY C 174 9.70 -24.08 14.76
N LEU C 175 10.15 -23.63 13.60
CA LEU C 175 10.66 -22.28 13.43
C LEU C 175 9.68 -21.37 12.72
N CYS C 176 9.70 -20.08 13.10
CA CYS C 176 9.24 -18.99 12.24
C CYS C 176 10.43 -18.18 11.76
N ARG C 177 10.51 -17.88 10.47
CA ARG C 177 11.59 -17.05 9.96
C ARG C 177 11.09 -15.80 9.23
N ILE C 178 11.78 -14.69 9.46
CA ILE C 178 11.59 -13.43 8.72
C ILE C 178 12.71 -13.28 7.70
N TRP C 179 12.31 -13.05 6.44
CA TRP C 179 13.17 -12.87 5.28
C TRP C 179 13.05 -11.48 4.68
N ASP C 180 14.19 -10.92 4.26
CA ASP C 180 14.27 -9.75 3.37
C ASP C 180 13.82 -10.14 1.97
N THR C 181 12.72 -9.54 1.49
CA THR C 181 12.21 -9.87 0.16
C THR C 181 13.27 -9.64 -0.93
N ALA C 182 13.87 -8.44 -0.94
CA ALA C 182 14.71 -8.07 -2.07
C ALA C 182 15.94 -8.98 -2.18
N SER C 183 16.53 -9.37 -1.05
CA SER C 183 17.79 -10.09 -1.05
C SER C 183 17.66 -11.58 -0.77
N GLY C 184 16.55 -12.01 -0.15
CA GLY C 184 16.38 -13.41 0.23
C GLY C 184 17.06 -13.81 1.50
N GLN C 185 17.69 -12.87 2.22
CA GLN C 185 18.42 -13.19 3.44
C GLN C 185 17.50 -13.28 4.64
N CYS C 186 17.77 -14.26 5.51
CA CYS C 186 17.02 -14.44 6.75
C CYS C 186 17.42 -13.39 7.76
N LEU C 187 16.46 -12.55 8.15
CA LEU C 187 16.68 -11.51 9.13
C LEU C 187 16.50 -12.02 10.55
N LYS C 188 15.63 -13.01 10.75
CA LYS C 188 15.31 -13.40 12.12
C LYS C 188 14.74 -14.81 12.15
N THR C 189 15.18 -15.62 13.12
CA THR C 189 14.57 -16.90 13.46
C THR C 189 13.97 -16.84 14.86
N LEU C 190 12.68 -17.17 14.97
CA LEU C 190 11.99 -17.33 16.25
C LEU C 190 11.89 -18.83 16.60
N ILE C 191 12.50 -19.19 17.75
CA ILE C 191 12.46 -20.51 18.39
C ILE C 191 11.69 -20.42 19.71
N ASP C 192 11.07 -21.53 20.12
CA ASP C 192 10.19 -21.54 21.29
C ASP C 192 10.28 -22.85 22.07
N ASP C 193 10.91 -22.81 23.25
CA ASP C 193 10.82 -23.89 24.24
C ASP C 193 11.16 -25.25 23.66
N ASP C 194 10.15 -26.11 23.53
CA ASP C 194 10.29 -27.47 23.03
C ASP C 194 9.81 -27.63 21.59
N ASN C 195 10.06 -26.58 20.79
CA ASN C 195 9.79 -26.61 19.34
C ASN C 195 8.61 -27.35 18.78
N PRO C 196 7.44 -26.95 19.19
CA PRO C 196 6.24 -27.56 18.61
C PRO C 196 6.09 -27.18 17.16
N PRO C 197 5.55 -28.08 16.32
CA PRO C 197 5.34 -27.73 14.91
C PRO C 197 4.51 -26.46 14.77
N VAL C 198 4.97 -25.55 13.89
CA VAL C 198 4.23 -24.33 13.59
C VAL C 198 3.40 -24.57 12.34
N SER C 199 2.09 -24.40 12.47
CA SER C 199 1.13 -24.76 11.43
C SER C 199 0.58 -23.56 10.67
N PHE C 200 0.88 -22.35 11.12
CA PHE C 200 0.37 -21.14 10.46
C PHE C 200 1.08 -19.93 11.05
N VAL C 201 1.32 -18.93 10.20
CA VAL C 201 1.88 -17.65 10.64
C VAL C 201 1.40 -16.55 9.71
N LYS C 202 1.26 -15.32 10.23
CA LYS C 202 1.00 -14.17 9.37
C LYS C 202 1.33 -12.88 10.12
N PHE C 203 1.70 -11.84 9.37
CA PHE C 203 2.01 -10.55 9.96
C PHE C 203 0.72 -9.87 10.43
N SER C 204 0.83 -9.10 11.51
CA SER C 204 -0.23 -8.18 11.89
C SER C 204 -0.34 -7.07 10.85
N PRO C 205 -1.49 -6.41 10.77
CA PRO C 205 -1.63 -5.28 9.84
C PRO C 205 -0.57 -4.19 9.98
N ASN C 206 -0.10 -3.88 11.20
CA ASN C 206 0.96 -2.86 11.33
C ASN C 206 2.34 -3.40 11.02
N GLY C 207 2.50 -4.72 10.83
CA GLY C 207 3.77 -5.29 10.46
C GLY C 207 4.75 -5.47 11.59
N LYS C 208 4.38 -5.10 12.82
CA LYS C 208 5.28 -5.23 13.95
C LYS C 208 5.21 -6.60 14.60
N TYR C 209 4.06 -7.26 14.53
CA TYR C 209 3.85 -8.55 15.18
C TYR C 209 3.58 -9.64 14.16
N ILE C 210 3.76 -10.89 14.59
CA ILE C 210 3.36 -12.06 13.80
C ILE C 210 2.51 -12.97 14.69
N LEU C 211 1.40 -13.44 14.13
CA LEU C 211 0.53 -14.41 14.78
C LEU C 211 0.92 -15.82 14.30
N ALA C 212 1.27 -16.70 15.24
CA ALA C 212 1.71 -18.05 14.90
C ALA C 212 0.89 -19.09 15.63
N ALA C 213 0.39 -20.09 14.89
CA ALA C 213 -0.28 -21.24 15.46
C ALA C 213 0.70 -22.39 15.57
N THR C 214 0.67 -23.11 16.70
CA THR C 214 1.44 -24.34 16.84
C THR C 214 0.52 -25.52 17.14
N LEU C 215 0.99 -26.73 16.79
CA LEU C 215 0.12 -27.91 16.90
C LEU C 215 0.06 -28.46 18.31
N ASP C 216 -0.09 -27.56 19.29
CA ASP C 216 -0.37 -27.86 20.69
C ASP C 216 -1.52 -26.98 21.18
N ASN C 217 -2.49 -26.73 20.30
CA ASN C 217 -3.72 -26.01 20.66
C ASN C 217 -3.44 -24.58 21.14
N THR C 218 -2.46 -23.91 20.51
CA THR C 218 -2.01 -22.61 20.98
C THR C 218 -1.76 -21.67 19.82
N LEU C 219 -2.21 -20.42 19.99
CA LEU C 219 -1.86 -19.30 19.12
C LEU C 219 -1.03 -18.30 19.94
N LYS C 220 0.02 -17.73 19.35
CA LYS C 220 0.77 -16.69 20.04
C LYS C 220 1.03 -15.49 19.14
N LEU C 221 1.00 -14.30 19.75
CA LEU C 221 1.37 -13.04 19.11
C LEU C 221 2.80 -12.67 19.51
N TRP C 222 3.69 -12.60 18.53
CA TRP C 222 5.11 -12.32 18.78
C TRP C 222 5.52 -10.94 18.29
N ASP C 223 6.38 -10.30 19.09
CA ASP C 223 7.19 -9.18 18.62
C ASP C 223 8.48 -9.81 18.09
N TYR C 224 8.57 -9.93 16.77
CA TYR C 224 9.65 -10.69 16.16
C TYR C 224 11.00 -9.98 16.23
N SER C 225 11.03 -8.65 16.15
CA SER C 225 12.30 -7.94 16.32
C SER C 225 12.93 -8.25 17.67
N LYS C 226 12.17 -8.05 18.76
CA LYS C 226 12.73 -8.25 20.08
C LYS C 226 12.83 -9.73 20.38
N GLY C 227 11.85 -10.50 19.91
CA GLY C 227 11.75 -11.92 20.17
C GLY C 227 10.81 -12.34 21.30
N LYS C 228 9.89 -11.47 21.72
CA LYS C 228 9.08 -11.71 22.91
C LYS C 228 7.65 -12.07 22.52
N CYS C 229 7.11 -13.10 23.16
CA CYS C 229 5.69 -13.41 23.03
C CYS C 229 4.89 -12.44 23.89
N LEU C 230 3.92 -11.77 23.28
CA LEU C 230 3.15 -10.76 24.02
C LEU C 230 1.80 -11.27 24.47
N LYS C 231 1.18 -12.19 23.72
CA LYS C 231 -0.10 -12.77 24.06
C LYS C 231 -0.13 -14.22 23.59
N THR C 232 -0.90 -15.05 24.29
CA THR C 232 -1.25 -16.37 23.82
C THR C 232 -2.76 -16.54 23.89
N TYR C 233 -3.29 -17.33 22.96
CA TYR C 233 -4.72 -17.60 22.85
C TYR C 233 -4.92 -19.11 22.82
N THR C 234 -5.74 -19.61 23.76
CA THR C 234 -5.99 -21.05 23.93
C THR C 234 -7.48 -21.29 24.15
N GLY C 235 -7.83 -22.57 24.26
CA GLY C 235 -9.19 -23.03 24.44
C GLY C 235 -9.76 -23.77 23.27
N HIS C 236 -9.17 -23.60 22.09
CA HIS C 236 -9.54 -24.32 20.88
C HIS C 236 -8.69 -25.59 20.76
N LYS C 237 -9.02 -26.41 19.76
CA LYS C 237 -8.36 -27.68 19.50
C LYS C 237 -7.57 -27.59 18.19
N ASN C 238 -6.24 -27.71 18.28
CA ASN C 238 -5.41 -27.68 17.07
C ASN C 238 -4.15 -28.52 17.30
N GLU C 239 -4.19 -29.77 16.81
CA GLU C 239 -3.10 -30.74 16.93
C GLU C 239 -2.71 -31.41 15.62
N LYS C 240 -3.54 -31.32 14.57
CA LYS C 240 -3.42 -32.21 13.41
C LYS C 240 -3.37 -31.48 12.07
N TYR C 241 -4.00 -30.30 11.96
CA TYR C 241 -4.22 -29.60 10.71
C TYR C 241 -3.62 -28.20 10.73
N CYS C 242 -3.29 -27.69 9.55
CA CYS C 242 -2.82 -26.31 9.43
C CYS C 242 -4.04 -25.39 9.24
N ILE C 243 -4.51 -24.83 10.35
CA ILE C 243 -5.72 -24.00 10.37
C ILE C 243 -5.35 -22.53 10.26
N PHE C 244 -6.05 -21.81 9.36
CA PHE C 244 -5.81 -20.38 9.16
C PHE C 244 -6.30 -19.58 10.36
N ALA C 245 -5.59 -18.49 10.69
CA ALA C 245 -6.05 -17.54 11.69
C ALA C 245 -5.96 -16.13 11.15
N ASN C 246 -6.66 -15.19 11.81
CA ASN C 246 -6.84 -13.84 11.28
C ASN C 246 -6.83 -12.81 12.41
N PHE C 247 -6.39 -11.60 12.06
CA PHE C 247 -6.71 -10.37 12.78
C PHE C 247 -8.01 -9.80 12.22
N SER C 248 -9.04 -9.67 13.06
CA SER C 248 -10.26 -8.98 12.64
C SER C 248 -10.20 -7.54 13.13
N VAL C 249 -10.34 -6.57 12.22
CA VAL C 249 -10.08 -5.17 12.54
C VAL C 249 -11.18 -4.23 12.10
N THR C 250 -12.25 -4.71 11.46
CA THR C 250 -13.27 -3.78 10.96
C THR C 250 -14.08 -3.17 12.09
N GLY C 251 -14.24 -3.89 13.20
CA GLY C 251 -14.93 -3.41 14.39
C GLY C 251 -14.03 -3.53 15.60
N GLY C 252 -14.41 -4.35 16.58
CA GLY C 252 -13.50 -4.68 17.65
C GLY C 252 -12.27 -5.39 17.11
N LYS C 253 -11.17 -5.29 17.85
CA LYS C 253 -9.91 -5.94 17.46
C LYS C 253 -9.90 -7.38 17.98
N TRP C 254 -10.25 -8.35 17.13
CA TRP C 254 -10.32 -9.75 17.53
C TRP C 254 -9.20 -10.57 16.87
N ILE C 255 -9.02 -11.76 17.42
CA ILE C 255 -8.30 -12.86 16.77
C ILE C 255 -9.33 -13.93 16.41
N VAL C 256 -9.29 -14.43 15.17
CA VAL C 256 -10.25 -15.41 14.69
C VAL C 256 -9.51 -16.67 14.22
N SER C 257 -10.06 -17.85 14.55
CA SER C 257 -9.45 -19.09 14.07
C SER C 257 -10.49 -20.21 13.97
N GLY C 258 -10.23 -21.16 13.06
CA GLY C 258 -10.92 -22.43 13.04
C GLY C 258 -10.44 -23.36 14.14
N SER C 259 -11.05 -24.55 14.19
CA SER C 259 -10.78 -25.50 15.27
C SER C 259 -11.14 -26.91 14.83
N GLU C 260 -10.47 -27.89 15.44
CA GLU C 260 -10.73 -29.31 15.17
C GLU C 260 -11.92 -29.85 15.96
N ASP C 261 -12.57 -29.02 16.77
CA ASP C 261 -13.84 -29.35 17.42
C ASP C 261 -15.03 -28.75 16.68
N ASN C 262 -14.84 -28.32 15.44
CA ASN C 262 -15.87 -27.87 14.50
C ASN C 262 -16.43 -26.49 14.80
N LEU C 263 -15.81 -25.71 15.69
CA LEU C 263 -16.25 -24.36 16.04
C LEU C 263 -15.32 -23.30 15.48
N VAL C 264 -15.86 -22.09 15.26
CA VAL C 264 -15.01 -20.93 15.04
C VAL C 264 -14.76 -20.24 16.38
N TYR C 265 -13.50 -19.97 16.70
CA TYR C 265 -13.13 -19.26 17.92
C TYR C 265 -12.77 -17.80 17.67
N ILE C 266 -13.27 -16.91 18.52
CA ILE C 266 -12.97 -15.49 18.49
C ILE C 266 -12.51 -15.06 19.88
N TRP C 267 -11.34 -14.43 19.93
CA TRP C 267 -10.71 -13.88 21.13
C TRP C 267 -10.59 -12.36 21.06
N ASN C 268 -10.60 -11.73 22.23
CA ASN C 268 -10.19 -10.34 22.38
C ASN C 268 -8.66 -10.29 22.30
N LEU C 269 -8.15 -9.55 21.32
CA LEU C 269 -6.70 -9.53 21.07
C LEU C 269 -5.93 -9.07 22.30
N GLN C 270 -6.45 -8.07 23.00
CA GLN C 270 -5.75 -7.48 24.14
C GLN C 270 -5.82 -8.35 25.40
N THR C 271 -7.02 -8.83 25.75
CA THR C 271 -7.21 -9.54 27.03
C THR C 271 -7.00 -11.05 26.93
N LYS C 272 -7.20 -11.65 25.75
CA LYS C 272 -7.06 -13.08 25.44
C LYS C 272 -8.30 -13.89 25.81
N GLU C 273 -9.37 -13.26 26.26
CA GLU C 273 -10.59 -13.99 26.60
C GLU C 273 -11.31 -14.44 25.33
N ILE C 274 -11.85 -15.66 25.36
CA ILE C 274 -12.74 -16.08 24.28
C ILE C 274 -14.02 -15.26 24.36
N VAL C 275 -14.33 -14.54 23.28
CA VAL C 275 -15.51 -13.70 23.24
C VAL C 275 -16.61 -14.31 22.38
N GLN C 276 -16.31 -15.33 21.57
CA GLN C 276 -17.43 -16.02 20.92
C GLN C 276 -16.95 -17.34 20.32
N LYS C 277 -17.83 -18.34 20.33
CA LYS C 277 -17.61 -19.59 19.61
C LYS C 277 -18.80 -19.82 18.68
N LEU C 278 -18.53 -19.95 17.39
CA LEU C 278 -19.54 -20.06 16.35
C LEU C 278 -19.79 -21.52 16.02
N GLN C 279 -21.04 -21.95 16.25
CA GLN C 279 -21.54 -23.31 16.14
C GLN C 279 -22.27 -23.49 14.82
N GLY C 280 -22.10 -24.66 14.22
CA GLY C 280 -22.82 -24.98 12.99
C GLY C 280 -22.12 -25.93 12.05
N HIS C 281 -20.79 -25.86 11.93
CA HIS C 281 -20.10 -26.79 11.05
C HIS C 281 -20.15 -28.21 11.62
N THR C 282 -20.00 -29.20 10.73
CA THR C 282 -20.08 -30.61 11.09
C THR C 282 -18.79 -31.38 10.79
N ASP C 283 -17.67 -30.66 10.64
CA ASP C 283 -16.33 -31.23 10.56
C ASP C 283 -15.33 -30.13 10.90
N VAL C 284 -14.05 -30.50 10.93
CA VAL C 284 -12.99 -29.55 11.29
C VAL C 284 -13.13 -28.28 10.48
N VAL C 285 -13.11 -27.12 11.16
CA VAL C 285 -13.10 -25.81 10.51
C VAL C 285 -11.64 -25.48 10.18
N ILE C 286 -11.25 -25.68 8.91
CA ILE C 286 -9.86 -25.59 8.49
C ILE C 286 -9.47 -24.15 8.15
N SER C 287 -10.44 -23.29 7.84
CA SER C 287 -10.12 -21.98 7.31
C SER C 287 -11.18 -20.98 7.75
N THR C 288 -10.72 -19.79 8.14
CA THR C 288 -11.56 -18.62 8.37
C THR C 288 -10.92 -17.43 7.66
N ALA C 289 -11.74 -16.45 7.32
CA ALA C 289 -11.32 -15.22 6.65
C ALA C 289 -12.20 -14.07 7.11
N CYS C 290 -11.62 -12.87 7.15
CA CYS C 290 -12.31 -11.67 7.60
C CYS C 290 -12.47 -10.68 6.43
N HIS C 291 -13.70 -10.19 6.25
CA HIS C 291 -14.01 -9.28 5.17
C HIS C 291 -13.23 -7.96 5.32
N PRO C 292 -12.77 -7.35 4.23
CA PRO C 292 -11.91 -6.16 4.37
C PRO C 292 -12.60 -4.90 4.88
N THR C 293 -13.93 -4.77 4.77
CA THR C 293 -14.58 -3.54 5.24
C THR C 293 -15.75 -3.79 6.17
N GLU C 294 -16.44 -4.91 6.02
CA GLU C 294 -17.58 -5.27 6.86
C GLU C 294 -17.18 -6.28 7.93
N ASN C 295 -17.93 -6.29 9.04
CA ASN C 295 -17.75 -7.30 10.07
C ASN C 295 -18.40 -8.60 9.63
N ILE C 296 -17.75 -9.26 8.67
CA ILE C 296 -18.19 -10.53 8.09
C ILE C 296 -17.06 -11.54 8.19
N ILE C 297 -17.38 -12.76 8.63
CA ILE C 297 -16.44 -13.88 8.66
C ILE C 297 -16.91 -14.98 7.72
N ALA C 298 -15.97 -15.54 6.97
CA ALA C 298 -16.21 -16.75 6.18
C ALA C 298 -15.45 -17.89 6.83
N SER C 299 -16.09 -19.06 6.96
CA SER C 299 -15.48 -20.27 7.52
C SER C 299 -15.69 -21.46 6.58
N ALA C 300 -14.81 -22.47 6.66
CA ALA C 300 -14.96 -23.66 5.80
C ALA C 300 -14.48 -24.92 6.51
N ALA C 301 -15.02 -26.08 6.10
CA ALA C 301 -14.84 -27.33 6.81
C ALA C 301 -14.46 -28.50 5.91
N LEU C 302 -14.03 -29.58 6.56
CA LEU C 302 -13.43 -30.75 5.92
C LEU C 302 -14.49 -31.78 5.49
N GLU C 303 -14.05 -33.02 5.26
CA GLU C 303 -14.76 -34.00 4.42
C GLU C 303 -16.21 -34.23 4.78
N ASN C 304 -16.53 -34.30 6.08
CA ASN C 304 -17.90 -34.65 6.47
C ASN C 304 -18.87 -33.49 6.24
N ASP C 305 -18.34 -32.29 6.01
CA ASP C 305 -19.13 -31.07 5.90
C ASP C 305 -19.05 -30.46 4.52
N LYS C 306 -17.85 -30.05 4.06
CA LYS C 306 -17.59 -29.57 2.70
C LYS C 306 -18.27 -28.23 2.39
N THR C 307 -18.75 -27.49 3.38
CA THR C 307 -19.45 -26.23 3.11
C THR C 307 -18.64 -25.05 3.61
N ILE C 308 -19.07 -23.88 3.16
CA ILE C 308 -18.59 -22.58 3.58
C ILE C 308 -19.76 -21.84 4.23
N LYS C 309 -19.51 -21.22 5.38
CA LYS C 309 -20.53 -20.44 6.06
C LYS C 309 -20.09 -18.98 6.16
N LEU C 310 -21.05 -18.06 5.93
CA LEU C 310 -20.84 -16.62 6.10
C LEU C 310 -21.56 -16.11 7.35
N TRP C 311 -20.87 -15.30 8.15
CA TRP C 311 -21.35 -14.84 9.46
C TRP C 311 -21.28 -13.32 9.52
N LYS C 312 -22.24 -12.68 10.22
CA LYS C 312 -22.32 -11.22 10.35
C LYS C 312 -22.46 -10.77 11.80
N SER C 313 -21.74 -9.71 12.17
CA SER C 313 -21.76 -9.13 13.51
C SER C 313 -21.97 -7.62 13.48
N ASP C 314 -22.55 -7.08 14.54
CA ASP C 314 -22.72 -5.63 14.66
C ASP C 314 -21.44 -4.93 15.10
N CYS C 315 -20.48 -5.65 15.64
CA CYS C 315 -19.16 -5.09 15.95
C CYS C 315 -18.12 -6.20 15.85
N MET D 1 -2.07 -32.80 0.85
CA MET D 1 -3.24 -31.95 1.00
C MET D 1 -3.36 -31.39 2.42
N ARG D 2 -3.75 -30.11 2.53
CA ARG D 2 -4.03 -29.50 3.83
C ARG D 2 -5.19 -30.18 4.54
N THR D 3 -6.10 -30.81 3.79
CA THR D 3 -7.30 -31.44 4.34
C THR D 3 -7.02 -32.82 4.91
N GLU D 4 -5.77 -33.29 4.88
CA GLU D 4 -5.34 -34.55 5.47
C GLU D 4 -4.53 -34.28 6.74
N PRO D 5 -4.74 -35.06 7.79
CA PRO D 5 -4.06 -34.80 9.06
C PRO D 5 -2.59 -35.18 9.00
N ARG D 6 -1.82 -34.60 9.93
CA ARG D 6 -0.37 -34.81 9.98
C ARG D 6 -0.05 -36.20 10.54
#